data_7NZO
#
_entry.id   7NZO
#
_cell.length_a   47.770
_cell.length_b   86.910
_cell.length_c   54.030
_cell.angle_alpha   90.000
_cell.angle_beta   112.930
_cell.angle_gamma   90.000
#
_symmetry.space_group_name_H-M   'P 1 21 1'
#
loop_
_entity.id
_entity.type
_entity.pdbx_description
1 polymer 'D-lyxose/D-mannose family sugar isomerase'
2 non-polymer 1,2-ETHANEDIOL
3 non-polymer 'MANGANESE (II) ION'
4 water water
#
_entity_poly.entity_id   1
_entity_poly.type   'polypeptide(L)'
_entity_poly.pdbx_seq_one_letter_code
;MGHHHHHHHHHHSSGHIDDDDKHMMLTKELVKEAREKAIRMLEKACIAITDEEKEKIEVTDFGLGVLYTFGLEILVYVNN
ERYCAKELVMFPRQICPEHRHPPIGSYLGKQETFRCRWGEVYLYVPGTPTPNPRARIPEEKKRYFTVWHEIVLRPGEQYT
IPPNTLHWFQAGDEGAIVSEFSSQSIDEKDIFTDPNVKRIPEIV
;
_entity_poly.pdbx_strand_id   AAA,BBB
#
# COMPACT_ATOMS: atom_id res chain seq x y z
N MET A 24 7.02 25.54 23.61
CA MET A 24 7.10 24.06 23.67
C MET A 24 7.85 23.53 22.45
N MET A 25 8.66 22.47 22.63
CA MET A 25 9.60 22.03 21.61
C MET A 25 9.50 20.51 21.41
N LEU A 26 9.84 20.05 20.20
CA LEU A 26 9.88 18.61 19.94
C LEU A 26 11.20 18.05 20.49
N THR A 27 11.14 17.34 21.62
CA THR A 27 12.35 16.82 22.21
C THR A 27 12.46 15.33 21.89
N LYS A 28 13.65 14.77 22.11
CA LYS A 28 13.92 13.36 21.92
C LYS A 28 12.96 12.51 22.76
N GLU A 29 12.63 12.98 23.96
CA GLU A 29 11.72 12.26 24.84
CA GLU A 29 11.72 12.25 24.83
C GLU A 29 10.31 12.28 24.24
N LEU A 30 9.92 13.42 23.66
CA LEU A 30 8.56 13.52 23.13
C LEU A 30 8.45 12.61 21.91
N VAL A 31 9.51 12.59 21.08
CA VAL A 31 9.59 11.80 19.87
C VAL A 31 9.50 10.32 20.22
N LYS A 32 10.26 9.87 21.23
CA LYS A 32 10.21 8.48 21.62
C LYS A 32 8.82 8.11 22.10
N GLU A 33 8.20 8.96 22.92
CA GLU A 33 6.87 8.67 23.40
C GLU A 33 5.90 8.55 22.21
N ALA A 34 5.97 9.49 21.27
CA ALA A 34 5.09 9.48 20.11
C ALA A 34 5.33 8.23 19.24
N ARG A 35 6.59 7.87 19.00
CA ARG A 35 6.89 6.64 18.25
C ARG A 35 6.27 5.44 18.94
N GLU A 36 6.43 5.31 20.26
CA GLU A 36 5.87 4.17 20.97
C GLU A 36 4.35 4.12 20.88
N LYS A 37 3.70 5.28 21.00
CA LYS A 37 2.26 5.30 20.86
C LYS A 37 1.85 4.85 19.43
N ALA A 38 2.58 5.32 18.41
CA ALA A 38 2.22 5.01 17.02
C ALA A 38 2.46 3.51 16.77
N ILE A 39 3.55 2.98 17.34
CA ILE A 39 3.86 1.55 17.22
C ILE A 39 2.74 0.71 17.82
N ARG A 40 2.25 1.11 19.00
CA ARG A 40 1.12 0.40 19.58
C ARG A 40 -0.11 0.46 18.67
N MET A 41 -0.32 1.60 18.00
CA MET A 41 -1.55 1.74 17.21
C MET A 41 -1.42 0.81 15.98
N LEU A 42 -0.23 0.76 15.41
CA LEU A 42 0.03 -0.14 14.27
C LEU A 42 -0.17 -1.60 14.68
N GLU A 43 0.31 -1.98 15.88
CA GLU A 43 0.15 -3.35 16.38
C GLU A 43 -1.32 -3.67 16.57
N LYS A 44 -2.09 -2.74 17.14
CA LYS A 44 -3.51 -2.94 17.33
C LYS A 44 -4.20 -3.16 15.99
N ALA A 45 -3.70 -2.51 14.93
CA ALA A 45 -4.34 -2.67 13.62
C ALA A 45 -3.79 -3.90 12.88
N CYS A 46 -2.90 -4.67 13.55
CA CYS A 46 -2.28 -5.88 13.04
C CYS A 46 -1.29 -5.61 11.90
N ILE A 47 -0.69 -4.40 11.83
CA ILE A 47 0.22 -4.08 10.75
C ILE A 47 1.62 -4.40 11.24
N ALA A 48 2.24 -5.41 10.62
CA ALA A 48 3.62 -5.79 10.92
C ALA A 48 4.56 -4.66 10.53
N ILE A 49 5.50 -4.38 11.44
CA ILE A 49 6.51 -3.38 11.21
C ILE A 49 7.83 -3.96 11.73
N THR A 50 8.91 -3.77 10.99
CA THR A 50 10.20 -4.30 11.38
C THR A 50 10.85 -3.45 12.49
N ASP A 51 11.85 -4.00 13.18
CA ASP A 51 12.51 -3.23 14.22
C ASP A 51 13.19 -2.01 13.63
N GLU A 52 13.76 -2.16 12.42
CA GLU A 52 14.41 -1.05 11.75
CA GLU A 52 14.41 -1.04 11.75
C GLU A 52 13.38 0.03 11.37
N GLU A 53 12.13 -0.38 11.07
CA GLU A 53 11.13 0.63 10.69
C GLU A 53 10.63 1.37 11.95
N LYS A 54 10.55 0.63 13.05
CA LYS A 54 10.13 1.21 14.33
C LYS A 54 11.00 2.39 14.73
N GLU A 55 12.29 2.30 14.40
CA GLU A 55 13.24 3.33 14.80
C GLU A 55 13.13 4.55 13.90
N LYS A 56 12.58 4.32 12.70
CA LYS A 56 12.61 5.33 11.65
CA LYS A 56 12.61 5.34 11.65
C LYS A 56 11.25 6.02 11.48
N ILE A 57 10.25 5.68 12.29
CA ILE A 57 8.98 6.38 12.23
C ILE A 57 9.24 7.87 12.43
N GLU A 58 8.77 8.67 11.48
CA GLU A 58 8.96 10.11 11.61
C GLU A 58 7.87 10.73 12.47
N VAL A 59 8.27 11.60 13.38
CA VAL A 59 7.33 12.32 14.22
C VAL A 59 7.50 13.81 13.86
N THR A 60 6.43 14.46 13.38
CA THR A 60 6.55 15.88 13.11
C THR A 60 5.46 16.63 13.86
N ASP A 61 5.82 17.80 14.45
CA ASP A 61 4.83 18.72 15.02
C ASP A 61 4.71 19.93 14.10
N PHE A 62 5.26 19.79 12.89
CA PHE A 62 5.19 20.81 11.86
C PHE A 62 5.82 22.10 12.35
N GLY A 63 6.62 22.01 13.42
CA GLY A 63 7.32 23.18 13.94
C GLY A 63 6.39 24.10 14.74
N LEU A 64 5.23 23.59 15.15
CA LEU A 64 4.21 24.44 15.75
C LEU A 64 4.18 24.26 17.27
N GLY A 65 4.92 23.28 17.78
CA GLY A 65 5.15 23.10 19.21
C GLY A 65 3.97 22.54 20.00
N VAL A 66 2.95 21.99 19.33
CA VAL A 66 1.84 21.34 20.03
C VAL A 66 1.53 20.01 19.32
N LEU A 67 2.46 19.05 19.40
CA LEU A 67 2.43 17.78 18.67
C LEU A 67 1.05 17.15 18.72
N TYR A 68 0.43 17.13 19.91
CA TYR A 68 -0.82 16.42 20.06
C TYR A 68 -2.01 17.19 19.49
N THR A 69 -1.78 18.45 19.08
CA THR A 69 -2.80 19.18 18.34
C THR A 69 -2.48 19.15 16.86
N PHE A 70 -1.29 19.64 16.51
CA PHE A 70 -0.85 19.58 15.13
C PHE A 70 0.34 18.64 15.01
N GLY A 71 0.18 17.54 14.27
CA GLY A 71 1.28 16.60 14.16
C GLY A 71 0.87 15.34 13.39
N LEU A 72 1.86 14.53 13.07
CA LEU A 72 1.68 13.32 12.26
C LEU A 72 2.84 12.38 12.58
N GLU A 73 2.55 11.07 12.62
CA GLU A 73 3.59 10.06 12.81
C GLU A 73 3.58 9.25 11.50
N ILE A 74 4.72 9.12 10.81
CA ILE A 74 4.72 8.57 9.46
C ILE A 74 5.66 7.39 9.36
N LEU A 75 5.18 6.27 8.79
CA LEU A 75 6.04 5.17 8.38
C LEU A 75 6.12 5.17 6.87
N VAL A 76 7.32 5.40 6.30
CA VAL A 76 7.47 5.33 4.85
C VAL A 76 7.81 3.89 4.47
N TYR A 77 6.96 3.25 3.65
CA TYR A 77 7.28 1.92 3.17
C TYR A 77 8.30 2.00 2.03
N VAL A 78 8.05 2.84 1.04
CA VAL A 78 8.96 3.00 -0.07
C VAL A 78 8.75 4.41 -0.63
N ASN A 79 9.82 5.03 -1.12
CA ASN A 79 9.65 6.31 -1.79
C ASN A 79 10.78 6.43 -2.80
N ASN A 80 10.40 6.48 -4.08
CA ASN A 80 11.40 6.64 -5.12
C ASN A 80 10.85 7.53 -6.23
N GLU A 81 11.57 7.66 -7.36
CA GLU A 81 11.17 8.60 -8.39
C GLU A 81 9.89 8.15 -9.09
N ARG A 82 9.49 6.89 -8.88
CA ARG A 82 8.36 6.38 -9.62
C ARG A 82 7.09 6.17 -8.77
N TYR A 83 7.23 5.95 -7.45
CA TYR A 83 6.03 5.77 -6.61
C TYR A 83 6.44 5.84 -5.14
N CYS A 84 5.43 5.94 -4.26
CA CYS A 84 5.66 6.08 -2.82
C CYS A 84 4.49 5.41 -2.10
N ALA A 85 4.76 4.82 -0.92
CA ALA A 85 3.66 4.34 -0.10
C ALA A 85 4.04 4.61 1.36
N LYS A 86 3.06 5.10 2.16
CA LYS A 86 3.34 5.38 3.57
C LYS A 86 2.17 4.94 4.41
N GLU A 87 2.40 4.85 5.73
CA GLU A 87 1.32 4.68 6.67
C GLU A 87 1.30 5.94 7.54
N LEU A 88 0.18 6.70 7.52
CA LEU A 88 0.08 7.85 8.40
C LEU A 88 -0.64 7.46 9.69
N VAL A 89 0.04 7.68 10.81
CA VAL A 89 -0.62 7.40 12.07
C VAL A 89 -1.01 8.74 12.70
N MET A 90 -2.23 8.78 13.25
CA MET A 90 -2.70 10.02 13.84
C MET A 90 -3.30 9.73 15.20
N PHE A 91 -2.84 10.47 16.23
CA PHE A 91 -3.42 10.29 17.53
C PHE A 91 -4.78 10.98 17.55
N PRO A 92 -5.63 10.77 18.60
CA PRO A 92 -6.97 11.35 18.63
C PRO A 92 -6.92 12.85 18.35
N ARG A 93 -7.72 13.29 17.37
CA ARG A 93 -7.89 14.69 17.00
C ARG A 93 -6.58 15.36 16.59
N GLN A 94 -5.53 14.60 16.32
CA GLN A 94 -4.36 15.23 15.68
C GLN A 94 -4.71 15.79 14.31
N ILE A 95 -4.16 16.96 13.98
CA ILE A 95 -4.49 17.68 12.75
C ILE A 95 -3.24 17.78 11.88
N CYS A 96 -3.36 17.47 10.59
CA CYS A 96 -2.32 17.78 9.61
C CYS A 96 -2.64 19.16 9.03
N PRO A 97 -1.79 20.20 9.26
CA PRO A 97 -2.07 21.56 8.80
C PRO A 97 -2.21 21.62 7.28
N GLU A 98 -2.89 22.66 6.79
CA GLU A 98 -3.27 22.73 5.39
C GLU A 98 -2.03 22.91 4.52
N HIS A 99 -1.93 22.09 3.47
CA HIS A 99 -0.79 22.19 2.57
C HIS A 99 -1.20 21.73 1.19
N ARG A 100 -0.27 21.85 0.24
CA ARG A 100 -0.47 21.27 -1.06
C ARG A 100 0.92 20.80 -1.54
N HIS A 101 0.89 19.86 -2.48
CA HIS A 101 2.10 19.24 -3.03
C HIS A 101 2.30 19.82 -4.42
N PRO A 102 3.19 20.83 -4.58
CA PRO A 102 3.27 21.55 -5.85
C PRO A 102 4.14 20.86 -6.91
N PRO A 103 4.03 21.26 -8.19
CA PRO A 103 5.02 20.85 -9.20
C PRO A 103 6.38 21.36 -8.73
N ILE A 104 7.43 20.63 -9.12
CA ILE A 104 8.80 20.95 -8.77
C ILE A 104 9.61 20.71 -10.04
N GLY A 105 10.19 21.78 -10.62
CA GLY A 105 10.82 21.65 -11.91
C GLY A 105 9.82 21.12 -12.92
N SER A 106 10.17 20.05 -13.64
CA SER A 106 9.23 19.42 -14.57
C SER A 106 8.40 18.31 -13.90
N TYR A 107 8.62 18.03 -12.61
CA TYR A 107 7.77 17.04 -11.91
C TYR A 107 6.40 17.68 -11.70
N LEU A 108 5.31 17.00 -12.16
CA LEU A 108 3.94 17.45 -11.94
C LEU A 108 3.59 17.78 -10.48
N GLY A 109 4.30 17.18 -9.53
CA GLY A 109 3.84 17.34 -8.14
C GLY A 109 3.17 16.06 -7.67
N LYS A 110 3.13 15.85 -6.36
CA LYS A 110 2.66 14.55 -5.89
C LYS A 110 1.13 14.48 -5.99
N GLN A 111 0.62 13.40 -6.61
CA GLN A 111 -0.76 13.01 -6.47
C GLN A 111 -0.83 11.88 -5.43
N GLU A 112 -1.84 11.90 -4.56
CA GLU A 112 -1.90 10.79 -3.60
C GLU A 112 -3.34 10.29 -3.41
N THR A 113 -3.43 8.98 -3.09
CA THR A 113 -4.67 8.33 -2.70
C THR A 113 -4.53 7.94 -1.23
N PHE A 114 -5.53 8.31 -0.43
CA PHE A 114 -5.53 7.95 0.99
C PHE A 114 -6.47 6.77 1.15
N ARG A 115 -6.12 5.83 2.02
CA ARG A 115 -7.10 4.81 2.40
C ARG A 115 -7.10 4.70 3.90
N CYS A 116 -8.27 4.97 4.52
CA CYS A 116 -8.33 4.82 5.96
C CYS A 116 -8.21 3.34 6.30
N ARG A 117 -7.35 2.99 7.26
CA ARG A 117 -7.20 1.59 7.64
C ARG A 117 -7.88 1.29 8.98
N TRP A 118 -7.92 2.30 9.86
CA TRP A 118 -8.31 2.06 11.25
C TRP A 118 -8.75 3.41 11.83
N GLY A 119 -9.82 3.40 12.62
CA GLY A 119 -10.36 4.63 13.19
C GLY A 119 -11.09 5.45 12.15
N GLU A 120 -10.92 6.78 12.19
CA GLU A 120 -11.59 7.61 11.18
C GLU A 120 -10.86 8.93 11.04
N VAL A 121 -10.95 9.47 9.83
CA VAL A 121 -10.29 10.73 9.53
C VAL A 121 -11.24 11.64 8.75
N TYR A 122 -11.13 12.94 9.04
CA TYR A 122 -11.91 13.98 8.39
C TYR A 122 -10.97 14.75 7.47
N LEU A 123 -11.18 14.58 6.16
CA LEU A 123 -10.28 15.16 5.16
C LEU A 123 -11.00 16.34 4.50
N TYR A 124 -10.28 17.45 4.29
CA TYR A 124 -10.91 18.63 3.75
C TYR A 124 -10.18 19.01 2.46
N VAL A 125 -10.98 19.28 1.41
CA VAL A 125 -10.46 19.59 0.09
C VAL A 125 -11.25 20.79 -0.47
N PRO A 126 -10.83 21.40 -1.61
CA PRO A 126 -11.60 22.53 -2.18
C PRO A 126 -13.00 22.05 -2.53
N GLY A 127 -13.96 22.99 -2.53
CA GLY A 127 -15.34 22.62 -2.78
C GLY A 127 -16.27 23.43 -1.87
N THR A 128 -17.56 23.14 -1.94
CA THR A 128 -18.55 23.86 -1.17
C THR A 128 -18.41 23.45 0.30
N PRO A 129 -18.32 24.40 1.26
CA PRO A 129 -18.20 24.05 2.67
C PRO A 129 -19.32 23.13 3.12
N THR A 130 -18.94 22.02 3.76
CA THR A 130 -19.92 21.08 4.28
C THR A 130 -20.49 21.65 5.57
N PRO A 131 -21.84 21.66 5.77
CA PRO A 131 -22.40 22.14 7.03
C PRO A 131 -22.01 21.19 8.16
N ASN A 132 -21.80 21.75 9.36
CA ASN A 132 -21.61 20.94 10.54
C ASN A 132 -20.38 20.03 10.37
N PRO A 133 -19.19 20.57 10.03
CA PRO A 133 -18.01 19.71 9.80
C PRO A 133 -17.63 19.04 11.10
N ARG A 134 -17.05 17.82 11.02
CA ARG A 134 -16.65 17.05 12.18
CA ARG A 134 -16.65 17.06 12.19
C ARG A 134 -15.41 17.62 12.84
N ALA A 135 -14.56 18.31 12.05
CA ALA A 135 -13.26 18.75 12.61
C ALA A 135 -13.47 19.85 13.63
N ARG A 136 -12.53 19.93 14.57
CA ARG A 136 -12.52 20.97 15.59
C ARG A 136 -11.10 21.53 15.64
N ILE A 137 -10.94 22.77 15.18
CA ILE A 137 -9.66 23.45 15.02
C ILE A 137 -9.53 24.49 16.12
N PRO A 138 -8.36 24.72 16.72
CA PRO A 138 -8.19 25.82 17.68
C PRO A 138 -8.61 27.13 17.02
N GLU A 139 -9.43 27.92 17.74
CA GLU A 139 -10.01 29.14 17.18
C GLU A 139 -8.94 30.00 16.51
N GLU A 140 -7.79 30.16 17.14
CA GLU A 140 -6.83 31.15 16.64
C GLU A 140 -6.03 30.61 15.44
N LYS A 141 -6.23 29.32 15.09
CA LYS A 141 -5.57 28.77 13.92
C LYS A 141 -6.52 28.65 12.72
N LYS A 142 -7.81 28.93 12.92
CA LYS A 142 -8.81 28.72 11.86
C LYS A 142 -8.47 29.51 10.60
N ARG A 143 -7.78 30.65 10.76
CA ARG A 143 -7.40 31.52 9.66
C ARG A 143 -6.54 30.77 8.65
N TYR A 144 -5.87 29.68 9.09
CA TYR A 144 -4.94 29.00 8.21
C TYR A 144 -5.54 27.70 7.64
N PHE A 145 -6.86 27.55 7.79
CA PHE A 145 -7.58 26.47 7.14
C PHE A 145 -8.60 27.09 6.22
N THR A 146 -8.42 26.85 4.91
CA THR A 146 -9.17 27.61 3.90
C THR A 146 -10.04 26.70 3.03
N VAL A 147 -9.83 25.38 3.08
CA VAL A 147 -10.75 24.53 2.33
C VAL A 147 -11.64 23.78 3.30
N TRP A 148 -12.91 23.53 2.94
CA TRP A 148 -13.91 23.10 3.93
C TRP A 148 -14.90 22.09 3.38
N HIS A 149 -14.57 21.55 2.21
CA HIS A 149 -15.39 20.48 1.69
C HIS A 149 -14.96 19.14 2.32
N GLU A 150 -15.85 18.50 3.07
CA GLU A 150 -15.44 17.44 3.99
C GLU A 150 -15.61 16.08 3.33
N ILE A 151 -14.58 15.23 3.49
CA ILE A 151 -14.70 13.82 3.14
C ILE A 151 -14.41 13.01 4.40
N VAL A 152 -15.37 12.21 4.92
CA VAL A 152 -15.10 11.41 6.10
C VAL A 152 -14.64 10.04 5.59
N LEU A 153 -13.47 9.57 6.05
CA LEU A 153 -13.03 8.24 5.66
C LEU A 153 -13.00 7.32 6.87
N ARG A 154 -13.75 6.21 6.77
CA ARG A 154 -13.71 5.13 7.73
C ARG A 154 -12.96 3.95 7.11
N PRO A 155 -12.61 2.89 7.88
CA PRO A 155 -11.74 1.82 7.39
C PRO A 155 -12.18 1.21 6.05
N GLY A 156 -11.27 1.18 5.08
CA GLY A 156 -11.58 0.69 3.74
C GLY A 156 -11.85 1.78 2.70
N GLU A 157 -12.12 3.00 3.16
CA GLU A 157 -12.59 4.03 2.25
C GLU A 157 -11.38 4.87 1.79
N GLN A 158 -11.48 5.41 0.58
CA GLN A 158 -10.38 6.10 -0.07
C GLN A 158 -10.81 7.43 -0.69
N TYR A 159 -9.82 8.26 -0.94
CA TYR A 159 -10.04 9.49 -1.68
C TYR A 159 -8.73 9.88 -2.36
N THR A 160 -8.80 10.52 -3.54
CA THR A 160 -7.59 10.87 -4.28
C THR A 160 -7.51 12.37 -4.44
N ILE A 161 -6.35 12.96 -4.09
CA ILE A 161 -6.05 14.37 -4.17
C ILE A 161 -5.16 14.57 -5.39
N PRO A 162 -5.60 15.32 -6.44
CA PRO A 162 -4.71 15.71 -7.54
C PRO A 162 -3.54 16.58 -7.07
N PRO A 163 -2.42 16.68 -7.82
CA PRO A 163 -1.31 17.52 -7.38
C PRO A 163 -1.74 18.96 -7.16
N ASN A 164 -1.00 19.63 -6.27
CA ASN A 164 -1.09 21.08 -6.09
C ASN A 164 -2.49 21.46 -5.59
N THR A 165 -3.11 20.59 -4.79
CA THR A 165 -4.48 20.81 -4.31
C THR A 165 -4.41 20.99 -2.81
N LEU A 166 -5.09 22.02 -2.31
CA LEU A 166 -5.03 22.31 -0.89
C LEU A 166 -5.81 21.24 -0.15
N HIS A 167 -5.30 20.82 1.01
CA HIS A 167 -5.99 19.80 1.77
C HIS A 167 -5.43 19.79 3.20
N TRP A 168 -6.25 19.25 4.13
CA TRP A 168 -5.82 19.06 5.51
C TRP A 168 -6.72 17.97 6.09
N PHE A 169 -6.32 17.43 7.23
CA PHE A 169 -7.18 16.38 7.80
C PHE A 169 -7.06 16.38 9.32
N GLN A 170 -8.10 15.82 10.00
CA GLN A 170 -8.02 15.65 11.44
C GLN A 170 -8.57 14.27 11.77
N ALA A 171 -7.89 13.53 12.65
CA ALA A 171 -8.36 12.21 13.08
C ALA A 171 -9.55 12.41 14.02
N GLY A 172 -10.37 11.36 14.12
CA GLY A 172 -11.48 11.38 15.05
C GLY A 172 -10.99 11.10 16.47
N ASP A 173 -11.95 10.87 17.38
CA ASP A 173 -11.62 10.82 18.80
C ASP A 173 -10.86 9.54 19.20
N GLU A 174 -10.70 8.54 18.31
CA GLU A 174 -9.88 7.37 18.61
C GLU A 174 -8.54 7.44 17.88
N GLY A 175 -8.34 8.48 17.07
CA GLY A 175 -7.18 8.50 16.19
C GLY A 175 -7.50 7.84 14.84
N ALA A 176 -6.46 7.64 14.02
CA ALA A 176 -6.68 7.00 12.72
C ALA A 176 -5.36 6.46 12.23
N ILE A 177 -5.42 5.41 11.39
CA ILE A 177 -4.28 5.04 10.58
C ILE A 177 -4.75 5.18 9.12
N VAL A 178 -3.99 5.94 8.33
CA VAL A 178 -4.42 6.20 6.96
C VAL A 178 -3.21 5.90 6.05
N SER A 179 -3.42 5.04 5.04
CA SER A 179 -2.37 4.68 4.10
C SER A 179 -2.35 5.76 3.03
N GLU A 180 -1.14 6.05 2.54
CA GLU A 180 -0.99 6.93 1.41
C GLU A 180 -0.37 6.09 0.28
N PHE A 181 -0.96 6.15 -0.91
CA PHE A 181 -0.32 5.58 -2.09
C PHE A 181 -0.14 6.75 -3.06
N SER A 182 1.07 6.97 -3.58
CA SER A 182 1.26 8.22 -4.29
C SER A 182 2.41 8.12 -5.30
N SER A 183 2.63 9.22 -6.05
CA SER A 183 3.83 9.38 -6.87
C SER A 183 4.93 9.84 -5.93
N GLN A 184 6.13 10.12 -6.45
CA GLN A 184 7.27 10.50 -5.64
C GLN A 184 6.89 11.57 -4.60
N SER A 185 7.31 11.35 -3.36
CA SER A 185 7.10 12.30 -2.26
C SER A 185 8.34 13.16 -2.08
N ILE A 186 8.14 14.48 -1.95
CA ILE A 186 9.21 15.42 -1.66
C ILE A 186 8.68 16.38 -0.59
N ASP A 187 8.69 15.90 0.65
CA ASP A 187 8.03 16.58 1.75
C ASP A 187 8.55 18.00 1.89
N GLU A 188 9.84 18.20 1.59
CA GLU A 188 10.49 19.47 1.88
C GLU A 188 9.90 20.58 1.02
N LYS A 189 9.31 20.20 -0.12
CA LYS A 189 8.79 21.18 -1.06
C LYS A 189 7.31 21.46 -0.85
N ASP A 190 6.66 20.80 0.12
CA ASP A 190 5.24 21.06 0.35
C ASP A 190 5.02 22.51 0.78
N ILE A 191 3.91 23.12 0.35
CA ILE A 191 3.62 24.50 0.70
C ILE A 191 2.46 24.52 1.69
N PHE A 192 2.67 25.14 2.86
CA PHE A 192 1.66 25.23 3.91
C PHE A 192 0.99 26.61 3.93
N THR A 193 -0.30 26.63 4.21
CA THR A 193 -1.04 27.88 4.43
C THR A 193 -0.52 28.64 5.66
N ASP A 194 -0.22 27.93 6.75
CA ASP A 194 0.26 28.49 8.01
C ASP A 194 1.74 28.82 7.85
N PRO A 195 2.13 30.12 7.90
CA PRO A 195 3.50 30.51 7.62
C PRO A 195 4.40 30.16 8.80
N ASN A 196 3.80 29.76 9.93
CA ASN A 196 4.58 29.31 11.07
C ASN A 196 5.08 27.87 10.87
N VAL A 197 4.48 27.11 9.93
CA VAL A 197 4.90 25.72 9.78
C VAL A 197 6.33 25.63 9.24
N LYS A 198 7.14 24.75 9.85
CA LYS A 198 8.39 24.23 9.29
C LYS A 198 8.29 22.71 9.21
N ARG A 199 8.21 22.16 8.00
CA ARG A 199 7.91 20.75 7.79
C ARG A 199 9.03 19.87 8.37
N MET B 24 -9.48 -27.98 -14.97
CA MET B 24 -10.93 -27.59 -15.13
C MET B 24 -11.05 -26.06 -15.17
N MET B 25 -12.06 -25.57 -15.89
CA MET B 25 -12.23 -24.14 -16.15
CA MET B 25 -12.25 -24.15 -16.16
C MET B 25 -12.77 -23.42 -14.92
N LEU B 26 -12.44 -22.13 -14.86
CA LEU B 26 -12.83 -21.24 -13.77
C LEU B 26 -14.30 -20.85 -13.95
N THR B 27 -15.16 -21.38 -13.07
CA THR B 27 -16.59 -21.07 -13.16
C THR B 27 -16.93 -19.98 -12.16
N LYS B 28 -18.14 -19.41 -12.31
CA LYS B 28 -18.61 -18.38 -11.40
CA LYS B 28 -18.63 -18.38 -11.40
C LYS B 28 -18.66 -18.90 -9.96
N GLU B 29 -18.99 -20.19 -9.80
CA GLU B 29 -19.03 -20.80 -8.47
C GLU B 29 -17.60 -20.91 -7.92
N LEU B 30 -16.61 -21.21 -8.78
CA LEU B 30 -15.27 -21.38 -8.25
C LEU B 30 -14.70 -20.03 -7.83
N VAL B 31 -15.05 -18.99 -8.61
CA VAL B 31 -14.67 -17.62 -8.36
C VAL B 31 -15.26 -17.15 -7.04
N LYS B 32 -16.56 -17.41 -6.83
CA LYS B 32 -17.20 -16.99 -5.60
C LYS B 32 -16.55 -17.67 -4.40
N GLU B 33 -16.27 -18.97 -4.52
CA GLU B 33 -15.64 -19.68 -3.43
C GLU B 33 -14.28 -19.05 -3.09
N ALA B 34 -13.49 -18.79 -4.14
CA ALA B 34 -12.15 -18.23 -3.96
C ALA B 34 -12.24 -16.81 -3.35
N ARG B 35 -13.18 -15.98 -3.84
CA ARG B 35 -13.40 -14.66 -3.25
C ARG B 35 -13.70 -14.76 -1.75
N GLU B 36 -14.60 -15.67 -1.37
CA GLU B 36 -14.98 -15.80 0.03
C GLU B 36 -13.80 -16.22 0.88
N LYS B 37 -12.98 -17.15 0.37
CA LYS B 37 -11.80 -17.53 1.12
C LYS B 37 -10.83 -16.35 1.28
N ALA B 38 -10.62 -15.58 0.21
CA ALA B 38 -9.69 -14.45 0.23
C ALA B 38 -10.20 -13.37 1.19
N ILE B 39 -11.53 -13.18 1.20
CA ILE B 39 -12.16 -12.24 2.14
C ILE B 39 -11.87 -12.66 3.58
N ARG B 40 -12.02 -13.95 3.88
CA ARG B 40 -11.73 -14.42 5.23
C ARG B 40 -10.27 -14.18 5.59
N MET B 41 -9.36 -14.34 4.61
CA MET B 41 -7.95 -14.22 4.94
C MET B 41 -7.64 -12.73 5.22
N LEU B 42 -8.26 -11.86 4.46
CA LEU B 42 -8.08 -10.41 4.69
C LEU B 42 -8.61 -10.03 6.09
N GLU B 43 -9.78 -10.58 6.48
CA GLU B 43 -10.37 -10.31 7.79
C GLU B 43 -9.44 -10.80 8.90
N LYS B 44 -8.86 -11.98 8.73
CA LYS B 44 -7.91 -12.51 9.71
C LYS B 44 -6.71 -11.58 9.86
N ALA B 45 -6.33 -10.92 8.76
CA ALA B 45 -5.17 -10.03 8.83
C ALA B 45 -5.58 -8.62 9.29
N CYS B 46 -6.87 -8.44 9.63
CA CYS B 46 -7.49 -7.19 10.06
C CYS B 46 -7.47 -6.10 8.96
N ILE B 47 -7.52 -6.51 7.68
CA ILE B 47 -7.45 -5.53 6.60
C ILE B 47 -8.88 -5.27 6.20
N ALA B 48 -9.37 -4.05 6.46
CA ALA B 48 -10.74 -3.67 6.11
C ALA B 48 -10.90 -3.65 4.60
N ILE B 49 -12.04 -4.18 4.14
CA ILE B 49 -12.39 -4.06 2.73
CA ILE B 49 -12.41 -4.15 2.73
C ILE B 49 -13.87 -3.73 2.63
N THR B 50 -14.22 -2.89 1.66
CA THR B 50 -15.60 -2.45 1.51
C THR B 50 -16.46 -3.53 0.85
N ASP B 51 -17.79 -3.41 0.98
CA ASP B 51 -18.67 -4.40 0.38
C ASP B 51 -18.48 -4.40 -1.14
N GLU B 52 -18.29 -3.22 -1.72
CA GLU B 52 -18.09 -3.12 -3.16
C GLU B 52 -16.75 -3.76 -3.57
N GLU B 53 -15.74 -3.72 -2.71
CA GLU B 53 -14.45 -4.32 -3.06
C GLU B 53 -14.54 -5.84 -2.97
N LYS B 54 -15.35 -6.34 -2.02
CA LYS B 54 -15.57 -7.78 -1.86
C LYS B 54 -16.07 -8.41 -3.16
N GLU B 55 -16.87 -7.66 -3.93
CA GLU B 55 -17.47 -8.19 -5.14
C GLU B 55 -16.47 -8.15 -6.27
N LYS B 56 -15.43 -7.31 -6.12
CA LYS B 56 -14.57 -6.98 -7.24
C LYS B 56 -13.19 -7.67 -7.16
N ILE B 57 -12.89 -8.37 -6.06
CA ILE B 57 -11.63 -9.09 -5.97
C ILE B 57 -11.44 -9.96 -7.21
N GLU B 58 -10.29 -9.81 -7.86
CA GLU B 58 -10.00 -10.65 -9.02
C GLU B 58 -9.47 -12.01 -8.61
N VAL B 59 -9.99 -13.06 -9.25
CA VAL B 59 -9.50 -14.41 -9.03
C VAL B 59 -8.97 -14.88 -10.38
N THR B 60 -7.69 -15.24 -10.44
CA THR B 60 -7.15 -15.74 -11.71
C THR B 60 -6.46 -17.06 -11.46
N ASP B 61 -6.68 -18.01 -12.39
CA ASP B 61 -5.95 -19.28 -12.38
C ASP B 61 -4.94 -19.26 -13.52
N PHE B 62 -4.75 -18.08 -14.10
CA PHE B 62 -3.77 -17.85 -15.15
C PHE B 62 -4.08 -18.74 -16.36
N GLY B 63 -5.31 -19.26 -16.41
CA GLY B 63 -5.73 -20.06 -17.55
C GLY B 63 -5.16 -21.47 -17.49
N LEU B 64 -4.69 -21.89 -16.32
CA LEU B 64 -3.97 -23.15 -16.23
C LEU B 64 -4.85 -24.23 -15.61
N GLY B 65 -6.04 -23.84 -15.10
CA GLY B 65 -7.07 -24.79 -14.69
C GLY B 65 -6.81 -25.49 -13.36
N VAL B 66 -5.84 -25.01 -12.55
CA VAL B 66 -5.56 -25.57 -11.24
C VAL B 66 -5.37 -24.41 -10.25
N LEU B 67 -6.45 -23.67 -9.99
CA LEU B 67 -6.44 -22.42 -9.23
C LEU B 67 -5.62 -22.57 -7.96
N TYR B 68 -5.77 -23.72 -7.28
CA TYR B 68 -5.17 -23.91 -5.97
C TYR B 68 -3.69 -24.23 -6.08
N THR B 69 -3.20 -24.52 -7.29
CA THR B 69 -1.76 -24.67 -7.50
C THR B 69 -1.21 -23.38 -8.11
N PHE B 70 -1.77 -22.96 -9.24
CA PHE B 70 -1.36 -21.71 -9.85
C PHE B 70 -2.53 -20.75 -9.82
N GLY B 71 -2.37 -19.64 -9.09
CA GLY B 71 -3.47 -18.69 -9.04
C GLY B 71 -3.17 -17.56 -8.05
N LEU B 72 -4.02 -16.54 -8.08
CA LEU B 72 -3.83 -15.33 -7.27
C LEU B 72 -5.19 -14.67 -7.07
N GLU B 73 -5.44 -14.11 -5.86
CA GLU B 73 -6.65 -13.34 -5.60
C GLU B 73 -6.20 -11.90 -5.37
N ILE B 74 -6.69 -10.92 -6.15
CA ILE B 74 -6.11 -9.59 -6.11
C ILE B 74 -7.16 -8.53 -5.78
N LEU B 75 -6.84 -7.67 -4.81
CA LEU B 75 -7.62 -6.48 -4.55
C LEU B 75 -6.80 -5.29 -5.05
N VAL B 76 -7.27 -4.57 -6.08
CA VAL B 76 -6.57 -3.36 -6.53
C VAL B 76 -7.10 -2.16 -5.73
N TYR B 77 -6.23 -1.51 -4.94
CA TYR B 77 -6.63 -0.30 -4.25
C TYR B 77 -6.75 0.89 -5.21
N VAL B 78 -5.73 1.11 -6.04
CA VAL B 78 -5.70 2.23 -6.97
C VAL B 78 -4.75 1.85 -8.11
N ASN B 79 -5.08 2.26 -9.35
CA ASN B 79 -4.13 2.04 -10.43
C ASN B 79 -4.34 3.14 -11.44
N ASN B 80 -3.34 3.98 -11.64
CA ASN B 80 -3.45 5.07 -12.60
C ASN B 80 -2.10 5.26 -13.26
N GLU B 81 -1.99 6.29 -14.10
CA GLU B 81 -0.79 6.51 -14.89
CA GLU B 81 -0.78 6.49 -14.89
C GLU B 81 0.41 6.82 -14.00
N ARG B 82 0.14 7.22 -12.76
CA ARG B 82 1.24 7.68 -11.91
C ARG B 82 1.62 6.70 -10.79
N TYR B 83 0.71 5.85 -10.32
CA TYR B 83 1.10 4.84 -9.31
C TYR B 83 -0.03 3.82 -9.17
N CYS B 84 0.28 2.71 -8.48
CA CYS B 84 -0.65 1.61 -8.28
C CYS B 84 -0.40 1.00 -6.90
N ALA B 85 -1.47 0.51 -6.24
CA ALA B 85 -1.26 -0.28 -5.04
C ALA B 85 -2.26 -1.43 -5.03
N LYS B 86 -1.81 -2.64 -4.65
CA LYS B 86 -2.71 -3.79 -4.62
C LYS B 86 -2.47 -4.62 -3.38
N GLU B 87 -3.46 -5.47 -3.03
CA GLU B 87 -3.21 -6.50 -2.00
C GLU B 87 -3.30 -7.85 -2.71
N LEU B 88 -2.21 -8.64 -2.67
CA LEU B 88 -2.25 -9.97 -3.27
C LEU B 88 -2.56 -10.99 -2.17
N VAL B 89 -3.67 -11.72 -2.34
CA VAL B 89 -3.97 -12.78 -1.39
C VAL B 89 -3.58 -14.11 -2.01
N MET B 90 -2.86 -14.93 -1.24
CA MET B 90 -2.45 -16.23 -1.76
C MET B 90 -2.88 -17.33 -0.80
N PHE B 91 -3.59 -18.34 -1.33
CA PHE B 91 -3.91 -19.48 -0.49
C PHE B 91 -2.65 -20.29 -0.25
N PRO B 92 -2.62 -21.23 0.74
CA PRO B 92 -1.43 -22.05 1.00
C PRO B 92 -0.81 -22.60 -0.28
N ARG B 93 0.49 -22.29 -0.49
CA ARG B 93 1.30 -22.79 -1.60
C ARG B 93 0.76 -22.43 -2.96
N GLN B 94 -0.17 -21.48 -3.06
CA GLN B 94 -0.49 -20.94 -4.36
C GLN B 94 0.75 -20.30 -5.03
N ILE B 95 0.89 -20.49 -6.35
CA ILE B 95 2.08 -20.05 -7.09
C ILE B 95 1.64 -19.04 -8.12
N CYS B 96 2.37 -17.90 -8.23
CA CYS B 96 2.20 -16.99 -9.34
C CYS B 96 3.23 -17.40 -10.40
N PRO B 97 2.80 -17.83 -11.61
CA PRO B 97 3.74 -18.30 -12.64
C PRO B 97 4.72 -17.19 -13.08
N GLU B 98 5.84 -17.62 -13.65
CA GLU B 98 6.92 -16.69 -13.93
C GLU B 98 6.53 -15.69 -15.02
N HIS B 99 6.79 -14.41 -14.76
CA HIS B 99 6.48 -13.39 -15.74
C HIS B 99 7.42 -12.20 -15.57
N ARG B 100 7.29 -11.23 -16.46
CA ARG B 100 7.98 -9.96 -16.27
C ARG B 100 7.05 -8.87 -16.75
N HIS B 101 7.31 -7.65 -16.26
CA HIS B 101 6.53 -6.48 -16.62
C HIS B 101 7.37 -5.67 -17.58
N PRO B 102 7.12 -5.74 -18.91
CA PRO B 102 8.02 -5.13 -19.89
C PRO B 102 7.75 -3.65 -20.13
N PRO B 103 8.69 -2.92 -20.77
CA PRO B 103 8.39 -1.58 -21.27
C PRO B 103 7.26 -1.73 -22.29
N ILE B 104 6.49 -0.65 -22.41
CA ILE B 104 5.37 -0.59 -23.34
C ILE B 104 5.48 0.78 -23.98
N GLY B 105 5.78 0.83 -25.28
CA GLY B 105 6.01 2.12 -25.92
C GLY B 105 7.15 2.83 -25.21
N SER B 106 6.93 4.08 -24.78
CA SER B 106 7.93 4.81 -24.02
C SER B 106 7.79 4.57 -22.52
N TYR B 107 6.78 3.81 -22.06
CA TYR B 107 6.67 3.51 -20.63
C TYR B 107 7.80 2.53 -20.30
N LEU B 108 8.63 2.84 -19.27
CA LEU B 108 9.70 1.97 -18.81
C LEU B 108 9.24 0.55 -18.47
N GLY B 109 7.96 0.38 -18.12
CA GLY B 109 7.57 -0.91 -17.59
C GLY B 109 7.37 -0.83 -16.08
N LYS B 110 6.58 -1.74 -15.51
CA LYS B 110 6.22 -1.59 -14.10
C LYS B 110 7.40 -1.97 -13.23
N GLN B 111 7.75 -1.06 -12.30
CA GLN B 111 8.59 -1.43 -11.16
C GLN B 111 7.67 -1.68 -9.96
N GLU B 112 7.95 -2.72 -9.16
CA GLU B 112 7.05 -2.94 -8.02
C GLU B 112 7.86 -3.27 -6.76
N THR B 113 7.31 -2.87 -5.61
CA THR B 113 7.84 -3.26 -4.31
C THR B 113 6.78 -4.14 -3.65
N PHE B 114 7.21 -5.33 -3.19
CA PHE B 114 6.30 -6.21 -2.47
C PHE B 114 6.54 -6.05 -0.97
N ARG B 115 5.48 -6.08 -0.17
CA ARG B 115 5.70 -6.18 1.27
C ARG B 115 4.81 -7.30 1.80
N CYS B 116 5.45 -8.33 2.38
CA CYS B 116 4.65 -9.36 3.02
C CYS B 116 3.90 -8.77 4.20
N ARG B 117 2.60 -9.03 4.28
CA ARG B 117 1.78 -8.51 5.38
C ARG B 117 1.46 -9.61 6.40
N TRP B 118 1.35 -10.84 5.91
CA TRP B 118 0.79 -11.92 6.71
C TRP B 118 1.23 -13.22 6.06
N GLY B 119 1.53 -14.23 6.88
CA GLY B 119 1.99 -15.49 6.31
C GLY B 119 3.44 -15.37 5.90
N GLU B 120 3.82 -16.02 4.79
CA GLU B 120 5.15 -15.88 4.24
C GLU B 120 5.13 -16.26 2.75
N VAL B 121 6.06 -15.67 1.99
CA VAL B 121 6.10 -15.88 0.55
C VAL B 121 7.56 -16.10 0.13
N TYR B 122 7.72 -16.96 -0.87
CA TYR B 122 9.00 -17.31 -1.47
C TYR B 122 9.02 -16.67 -2.85
N LEU B 123 9.85 -15.62 -2.99
CA LEU B 123 9.96 -14.85 -4.23
C LEU B 123 11.24 -15.24 -4.96
N TYR B 124 11.17 -15.42 -6.28
CA TYR B 124 12.34 -15.85 -7.03
C TYR B 124 12.61 -14.78 -8.09
N VAL B 125 13.90 -14.40 -8.20
CA VAL B 125 14.33 -13.36 -9.13
C VAL B 125 15.63 -13.83 -9.83
N PRO B 126 16.16 -13.10 -10.83
CA PRO B 126 17.38 -13.55 -11.53
C PRO B 126 18.52 -13.56 -10.53
N GLY B 127 19.51 -14.42 -10.79
CA GLY B 127 20.64 -14.48 -9.88
C GLY B 127 21.12 -15.93 -9.76
N THR B 128 22.08 -16.15 -8.86
CA THR B 128 22.60 -17.48 -8.64
CA THR B 128 22.61 -17.48 -8.61
C THR B 128 21.50 -18.32 -8.00
N PRO B 129 21.18 -19.53 -8.53
CA PRO B 129 20.15 -20.37 -7.91
C PRO B 129 20.51 -20.64 -6.45
N THR B 130 19.54 -20.43 -5.55
CA THR B 130 19.74 -20.71 -4.15
C THR B 130 19.61 -22.23 -3.96
N PRO B 131 20.55 -22.91 -3.25
CA PRO B 131 20.40 -24.33 -2.98
C PRO B 131 19.22 -24.51 -2.01
N ASN B 132 18.50 -25.63 -2.16
CA ASN B 132 17.48 -26.01 -1.20
C ASN B 132 16.38 -24.95 -1.14
N PRO B 133 15.76 -24.56 -2.27
CA PRO B 133 14.73 -23.51 -2.23
C PRO B 133 13.53 -24.01 -1.45
N ARG B 134 12.78 -23.09 -0.83
CA ARG B 134 11.57 -23.42 -0.06
CA ARG B 134 11.59 -23.46 -0.07
C ARG B 134 10.41 -23.78 -0.98
N ALA B 135 10.41 -23.25 -2.21
CA ALA B 135 9.25 -23.48 -3.07
C ALA B 135 9.16 -24.96 -3.47
N ARG B 136 7.94 -25.40 -3.78
CA ARG B 136 7.67 -26.72 -4.29
C ARG B 136 6.77 -26.56 -5.50
N ILE B 137 7.30 -26.86 -6.68
CA ILE B 137 6.69 -26.65 -7.99
C ILE B 137 6.35 -28.04 -8.54
N PRO B 138 5.21 -28.20 -9.24
CA PRO B 138 4.91 -29.47 -9.91
C PRO B 138 6.04 -29.80 -10.89
N GLU B 139 6.47 -31.07 -10.86
CA GLU B 139 7.62 -31.53 -11.64
C GLU B 139 7.48 -31.10 -13.10
N GLU B 140 6.28 -31.26 -13.66
CA GLU B 140 6.16 -31.08 -15.11
CA GLU B 140 6.02 -31.08 -15.09
C GLU B 140 6.06 -29.61 -15.49
N LYS B 141 5.99 -28.72 -14.48
CA LYS B 141 5.95 -27.29 -14.78
C LYS B 141 7.30 -26.63 -14.53
N LYS B 142 8.27 -27.35 -13.94
CA LYS B 142 9.56 -26.80 -13.57
C LYS B 142 10.24 -26.10 -14.76
N ARG B 143 10.01 -26.61 -15.98
CA ARG B 143 10.63 -26.09 -17.19
CA ARG B 143 10.66 -26.08 -17.17
C ARG B 143 10.26 -24.62 -17.40
N TYR B 144 9.14 -24.17 -16.80
CA TYR B 144 8.68 -22.81 -17.07
C TYR B 144 8.97 -21.86 -15.90
N PHE B 145 9.83 -22.31 -15.00
CA PHE B 145 10.38 -21.48 -13.97
C PHE B 145 11.88 -21.43 -14.20
N THR B 146 12.40 -20.24 -14.55
CA THR B 146 13.78 -20.13 -15.03
C THR B 146 14.66 -19.29 -14.10
N VAL B 147 14.05 -18.53 -13.19
CA VAL B 147 14.89 -17.84 -12.22
C VAL B 147 14.73 -18.53 -10.89
N TRP B 148 15.83 -18.57 -10.10
CA TRP B 148 15.84 -19.43 -8.91
C TRP B 148 16.62 -18.80 -7.76
N HIS B 149 16.84 -17.48 -7.85
CA HIS B 149 17.47 -16.79 -6.74
C HIS B 149 16.40 -16.42 -5.70
N GLU B 150 16.49 -16.96 -4.48
CA GLU B 150 15.37 -16.97 -3.56
C GLU B 150 15.39 -15.76 -2.63
N ILE B 151 14.23 -15.09 -2.49
CA ILE B 151 14.06 -14.10 -1.43
C ILE B 151 12.89 -14.55 -0.57
N VAL B 152 13.09 -14.79 0.74
CA VAL B 152 11.96 -15.19 1.57
C VAL B 152 11.44 -13.91 2.21
N LEU B 153 10.14 -13.63 2.08
CA LEU B 153 9.61 -12.50 2.84
C LEU B 153 8.62 -12.96 3.90
N ARG B 154 8.88 -12.53 5.14
CA ARG B 154 7.99 -12.71 6.26
C ARG B 154 7.34 -11.36 6.57
N PRO B 155 6.29 -11.29 7.44
CA PRO B 155 5.52 -10.03 7.62
C PRO B 155 6.42 -8.84 7.95
N GLY B 156 6.27 -7.75 7.18
CA GLY B 156 7.04 -6.54 7.39
C GLY B 156 8.18 -6.39 6.38
N GLU B 157 8.54 -7.49 5.71
CA GLU B 157 9.72 -7.47 4.87
C GLU B 157 9.32 -7.18 3.42
N GLN B 158 10.23 -6.52 2.70
CA GLN B 158 9.93 -6.03 1.36
C GLN B 158 11.06 -6.37 0.38
N TYR B 159 10.72 -6.33 -0.91
CA TYR B 159 11.73 -6.44 -1.93
C TYR B 159 11.24 -5.70 -3.17
N THR B 160 12.17 -5.10 -3.95
CA THR B 160 11.76 -4.32 -5.11
C THR B 160 12.28 -4.99 -6.38
N ILE B 161 11.40 -5.18 -7.37
CA ILE B 161 11.71 -5.78 -8.64
C ILE B 161 11.77 -4.66 -9.69
N PRO B 162 12.95 -4.39 -10.31
CA PRO B 162 13.03 -3.44 -11.43
C PRO B 162 12.17 -3.88 -12.62
N PRO B 163 11.79 -2.96 -13.53
CA PRO B 163 11.00 -3.34 -14.72
C PRO B 163 11.69 -4.43 -15.53
N ASN B 164 10.87 -5.18 -16.25
CA ASN B 164 11.29 -6.15 -17.25
C ASN B 164 12.21 -7.21 -16.62
N THR B 165 11.93 -7.59 -15.37
CA THR B 165 12.71 -8.57 -14.64
C THR B 165 11.85 -9.79 -14.39
N LEU B 166 12.40 -10.97 -14.71
CA LEU B 166 11.64 -12.21 -14.55
C LEU B 166 11.46 -12.49 -13.06
N HIS B 167 10.26 -12.97 -12.68
CA HIS B 167 10.07 -13.25 -11.27
C HIS B 167 8.83 -14.15 -11.12
N TRP B 168 8.74 -14.80 -9.97
CA TRP B 168 7.58 -15.64 -9.60
C TRP B 168 7.61 -15.82 -8.10
N PHE B 169 6.47 -16.28 -7.53
CA PHE B 169 6.48 -16.42 -6.11
C PHE B 169 5.52 -17.56 -5.70
N GLN B 170 5.75 -18.14 -4.52
CA GLN B 170 4.82 -19.12 -3.98
C GLN B 170 4.61 -18.80 -2.49
N ALA B 171 3.35 -18.85 -2.03
CA ALA B 171 3.05 -18.67 -0.61
C ALA B 171 3.49 -19.88 0.21
N GLY B 172 3.73 -19.66 1.50
CA GLY B 172 4.08 -20.71 2.43
C GLY B 172 2.83 -21.56 2.73
N ASP B 173 2.99 -22.44 3.72
CA ASP B 173 1.97 -23.44 4.01
C ASP B 173 0.73 -22.86 4.70
N GLU B 174 0.78 -21.59 5.13
CA GLU B 174 -0.40 -20.96 5.69
C GLU B 174 -1.01 -19.97 4.71
N GLY B 175 -0.37 -19.81 3.55
CA GLY B 175 -0.79 -18.76 2.62
C GLY B 175 0.01 -17.48 2.87
N ALA B 176 -0.43 -16.38 2.24
CA ALA B 176 0.28 -15.12 2.40
C ALA B 176 -0.63 -14.00 1.96
N ILE B 177 -0.44 -12.83 2.57
CA ILE B 177 -1.00 -11.60 2.03
C ILE B 177 0.19 -10.71 1.72
N VAL B 178 0.28 -10.29 0.46
CA VAL B 178 1.45 -9.50 0.06
C VAL B 178 0.98 -8.23 -0.63
N SER B 179 1.46 -7.08 -0.15
CA SER B 179 1.10 -5.78 -0.72
C SER B 179 2.01 -5.52 -1.90
N GLU B 180 1.45 -4.93 -2.97
CA GLU B 180 2.27 -4.40 -4.03
C GLU B 180 2.17 -2.88 -3.99
N PHE B 181 3.32 -2.19 -4.14
CA PHE B 181 3.32 -0.76 -4.36
C PHE B 181 4.10 -0.58 -5.66
N SER B 182 3.56 0.15 -6.64
CA SER B 182 4.24 0.10 -7.92
C SER B 182 3.90 1.32 -8.77
N SER B 183 4.58 1.44 -9.94
CA SER B 183 4.20 2.38 -10.98
C SER B 183 2.99 1.78 -11.71
N GLN B 184 2.47 2.45 -12.75
CA GLN B 184 1.26 2.00 -13.42
C GLN B 184 1.31 0.51 -13.78
N SER B 185 0.22 -0.22 -13.47
CA SER B 185 0.08 -1.64 -13.77
C SER B 185 -0.66 -1.81 -15.10
N ILE B 186 -0.12 -2.66 -15.97
CA ILE B 186 -0.80 -3.04 -17.22
C ILE B 186 -0.71 -4.55 -17.34
N ASP B 187 -1.61 -5.24 -16.63
CA ASP B 187 -1.52 -6.67 -16.45
C ASP B 187 -1.55 -7.37 -17.82
N GLU B 188 -2.28 -6.79 -18.78
CA GLU B 188 -2.52 -7.50 -20.03
C GLU B 188 -1.22 -7.61 -20.83
N LYS B 189 -0.24 -6.74 -20.52
CA LYS B 189 1.00 -6.71 -21.27
C LYS B 189 2.08 -7.57 -20.61
N ASP B 190 1.80 -8.19 -19.45
CA ASP B 190 2.83 -8.99 -18.80
C ASP B 190 3.20 -10.18 -19.69
N ILE B 191 4.49 -10.55 -19.68
CA ILE B 191 4.94 -11.68 -20.51
C ILE B 191 5.27 -12.84 -19.60
N PHE B 192 4.64 -13.98 -19.83
CA PHE B 192 4.84 -15.19 -19.04
C PHE B 192 5.77 -16.17 -19.75
N THR B 193 6.62 -16.82 -18.97
CA THR B 193 7.45 -17.91 -19.48
C THR B 193 6.61 -19.09 -19.97
N ASP B 194 5.55 -19.44 -19.22
CA ASP B 194 4.67 -20.57 -19.55
C ASP B 194 3.73 -20.15 -20.67
N PRO B 195 3.85 -20.75 -21.89
CA PRO B 195 3.08 -20.30 -23.04
C PRO B 195 1.61 -20.69 -22.89
N ASN B 196 1.32 -21.57 -21.92
CA ASN B 196 -0.06 -21.96 -21.65
C ASN B 196 -0.82 -20.86 -20.88
N VAL B 197 -0.09 -19.95 -20.21
CA VAL B 197 -0.76 -18.91 -19.43
C VAL B 197 -1.55 -17.96 -20.32
N LYS B 198 -2.81 -17.69 -19.94
CA LYS B 198 -3.58 -16.53 -20.38
C LYS B 198 -4.04 -15.79 -19.12
N ARG B 199 -3.54 -14.56 -18.96
CA ARG B 199 -3.74 -13.69 -17.80
C ARG B 199 -5.19 -13.19 -17.75
N ILE B 200 -5.79 -12.96 -18.93
CA ILE B 200 -7.12 -12.37 -19.06
C ILE B 200 -8.16 -13.48 -19.17
N PRO B 201 -8.99 -13.71 -18.12
CA PRO B 201 -9.96 -14.81 -18.09
C PRO B 201 -11.33 -14.45 -18.67
#